data_3ORN
#
_entry.id   3ORN
#
_cell.length_a   136.670
_cell.length_b   136.670
_cell.length_c   60.906
_cell.angle_alpha   90.00
_cell.angle_beta   90.00
_cell.angle_gamma   120.00
#
_symmetry.space_group_name_H-M   'P 31 2 1'
#
loop_
_entity.id
_entity.type
_entity.pdbx_description
1 polymer 'Dual specificity mitogen-activated protein kinase kinase 1'
2 non-polymer 'PHOSPHOAMINOPHOSPHONIC ACID-ADENYLATE ESTER'
3 non-polymer 'MAGNESIUM ION'
4 non-polymer 3,4-difluoro-2-[(2-fluoro-4-iodophenyl)amino]-N-(2-hydroxyethoxy)-5-[(3-oxo-1,2-oxazinan-2-yl)methyl]benzamide
5 non-polymer 'TRIETHYLENE GLYCOL'
6 non-polymer 'SULFATE ION'
7 water water
#
_entity_poly.entity_id   1
_entity_poly.type   'polypeptide(L)'
_entity_poly.pdbx_seq_one_letter_code
;MELKDDDFEKISELGAGNGGVVFKVSHKPSGLVMARKLIHLEIKPAIRNQIIRELQVLHECNSPYIVGFYGAFYSDGEIS
ICMEHMDGGSLDQVLKKAGRIPEQILGKVSIAVIKGLTYLREKHKIMHRDVKPSNILVNSRGEIKLCDFGVSGQLIDSMA
NSFVGTRSYMSPERLQGTHYSVQSDIWSMGLSLVEMAVGRYPIPPPDAKEDSRPPMAIFELLDYIVNEPPPKLPSGVFSL
EFQDFVNKCLIKNPAERADLKQLMVHAFIKRSDAEEVDFAGWLCSTIGLNQPSTPTHAAGVHHHHHH
;
_entity_poly.pdbx_strand_id   A
#
# COMPACT_ATOMS: atom_id res chain seq x y z
N MET A 1 -5.24 -22.93 2.09
CA MET A 1 -4.35 -23.82 2.89
C MET A 1 -5.15 -24.59 3.94
N GLU A 2 -6.42 -24.20 4.09
CA GLU A 2 -7.33 -24.81 5.04
C GLU A 2 -7.02 -24.36 6.46
N LEU A 3 -7.50 -23.17 6.80
CA LEU A 3 -7.26 -22.57 8.11
C LEU A 3 -8.57 -22.50 8.87
N LYS A 4 -8.48 -22.51 10.19
CA LYS A 4 -9.65 -22.33 11.04
C LYS A 4 -9.20 -21.77 12.37
N ASP A 5 -10.06 -20.96 13.00
CA ASP A 5 -9.65 -20.15 14.14
C ASP A 5 -8.90 -20.89 15.25
N ASP A 6 -9.19 -22.17 15.43
CA ASP A 6 -8.54 -22.93 16.49
C ASP A 6 -7.11 -23.36 16.16
N ASP A 7 -6.79 -23.42 14.88
CA ASP A 7 -5.43 -23.70 14.44
C ASP A 7 -4.47 -22.67 15.04
N PHE A 8 -4.95 -21.46 15.26
CA PHE A 8 -4.06 -20.34 15.55
C PHE A 8 -3.77 -20.10 17.02
N GLU A 9 -2.73 -19.31 17.26
CA GLU A 9 -2.35 -18.88 18.60
C GLU A 9 -1.64 -17.53 18.47
N LYS A 10 -2.07 -16.58 19.29
CA LYS A 10 -1.62 -15.20 19.14
C LYS A 10 -0.23 -14.98 19.71
N ILE A 11 0.64 -14.34 18.95
CA ILE A 11 1.98 -14.04 19.41
C ILE A 11 2.06 -12.60 19.85
N SER A 12 1.42 -11.72 19.08
CA SER A 12 1.47 -10.30 19.36
C SER A 12 0.69 -9.49 18.32
N GLU A 13 0.52 -8.21 18.61
CA GLU A 13 -0.19 -7.33 17.69
C GLU A 13 0.80 -6.58 16.81
N LEU A 14 0.59 -6.65 15.51
CA LEU A 14 1.48 -5.99 14.57
C LEU A 14 1.02 -4.56 14.34
N GLY A 15 -0.23 -4.29 14.67
CA GLY A 15 -0.79 -2.98 14.47
C GLY A 15 -2.24 -3.02 14.04
N ALA A 16 -2.89 -1.87 14.09
CA ALA A 16 -4.29 -1.74 13.67
C ALA A 16 -4.44 -0.50 12.83
N GLY A 17 -5.42 -0.51 11.95
CA GLY A 17 -5.76 0.70 11.23
C GLY A 17 -7.21 1.03 11.50
N ASN A 18 -7.81 1.80 10.61
CA ASN A 18 -9.21 2.18 10.74
C ASN A 18 -10.13 0.97 10.67
N GLY A 19 -9.90 0.10 9.70
CA GLY A 19 -10.84 -0.97 9.42
C GLY A 19 -10.57 -2.32 10.05
N GLY A 20 -9.39 -2.51 10.63
CA GLY A 20 -9.06 -3.82 11.18
C GLY A 20 -7.84 -3.84 12.06
N VAL A 21 -7.51 -5.02 12.57
CA VAL A 21 -6.29 -5.18 13.36
C VAL A 21 -5.54 -6.40 12.84
N VAL A 22 -4.21 -6.33 12.88
CA VAL A 22 -3.37 -7.39 12.35
C VAL A 22 -2.56 -8.01 13.48
N PHE A 23 -2.58 -9.33 13.56
CA PHE A 23 -1.83 -10.04 14.57
C PHE A 23 -0.73 -10.89 13.98
N LYS A 24 0.40 -10.93 14.67
CA LYS A 24 1.38 -11.97 14.40
C LYS A 24 0.90 -13.20 15.16
N VAL A 25 0.71 -14.30 14.44
CA VAL A 25 0.19 -15.52 15.05
C VAL A 25 1.05 -16.73 14.72
N SER A 26 0.92 -17.77 15.53
CA SER A 26 1.43 -19.07 15.18
C SER A 26 0.30 -19.93 14.64
N HIS A 27 0.50 -20.50 13.46
CA HIS A 27 -0.44 -21.50 12.97
C HIS A 27 0.04 -22.89 13.38
N LYS A 28 -0.49 -23.39 14.49
CA LYS A 28 0.09 -24.52 15.20
C LYS A 28 0.30 -25.79 14.36
N PRO A 29 -0.73 -26.23 13.63
CA PRO A 29 -0.59 -27.51 12.93
C PRO A 29 0.47 -27.54 11.84
N SER A 30 0.83 -26.38 11.29
CA SER A 30 1.81 -26.31 10.23
C SER A 30 3.14 -25.78 10.74
N GLY A 31 3.08 -25.06 11.86
CA GLY A 31 4.29 -24.46 12.41
C GLY A 31 4.58 -23.08 11.85
N LEU A 32 3.87 -22.72 10.78
CA LEU A 32 4.06 -21.43 10.14
C LEU A 32 3.82 -20.24 11.07
N VAL A 33 4.62 -19.20 10.92
CA VAL A 33 4.35 -17.92 11.57
C VAL A 33 3.74 -16.99 10.53
N MET A 34 2.50 -16.54 10.77
CA MET A 34 1.87 -15.62 9.82
C MET A 34 1.26 -14.38 10.44
N ALA A 35 0.96 -13.40 9.59
CA ALA A 35 0.20 -12.22 10.02
C ALA A 35 -1.28 -12.47 9.76
N ARG A 36 -2.09 -12.26 10.80
CA ARG A 36 -3.53 -12.41 10.69
C ARG A 36 -4.25 -11.08 10.81
N LYS A 37 -4.84 -10.63 9.72
CA LYS A 37 -5.69 -9.44 9.73
C LYS A 37 -7.14 -9.85 10.04
N LEU A 38 -7.73 -9.18 11.03
CA LEU A 38 -9.14 -9.37 11.36
C LEU A 38 -9.95 -8.16 10.95
N ILE A 39 -11.03 -8.40 10.22
CA ILE A 39 -11.88 -7.33 9.75
C ILE A 39 -13.29 -7.52 10.29
N HIS A 40 -13.82 -6.50 10.95
CA HIS A 40 -15.17 -6.60 11.48
C HIS A 40 -16.17 -5.77 10.68
N LEU A 41 -17.14 -6.44 10.07
CA LEU A 41 -18.16 -5.75 9.33
C LEU A 41 -19.54 -6.21 9.79
N GLU A 42 -20.48 -5.27 9.86
CA GLU A 42 -21.85 -5.60 10.27
C GLU A 42 -22.71 -5.89 9.05
N ILE A 43 -22.39 -6.96 8.34
CA ILE A 43 -23.07 -7.24 7.08
C ILE A 43 -23.81 -8.57 7.09
N LYS A 44 -24.77 -8.70 6.19
CA LYS A 44 -25.56 -9.92 6.08
C LYS A 44 -24.71 -11.06 5.54
N PRO A 45 -24.94 -12.27 6.07
CA PRO A 45 -24.16 -13.47 5.71
C PRO A 45 -23.98 -13.67 4.22
N ALA A 46 -24.99 -13.31 3.42
CA ALA A 46 -24.86 -13.45 1.98
C ALA A 46 -23.61 -12.76 1.46
N ILE A 47 -23.49 -11.46 1.68
CA ILE A 47 -22.38 -10.73 1.09
C ILE A 47 -21.08 -11.13 1.77
N ARG A 48 -21.16 -11.52 3.03
CA ARG A 48 -19.96 -11.91 3.76
C ARG A 48 -19.29 -13.10 3.09
N ASN A 49 -20.08 -14.12 2.78
CA ASN A 49 -19.55 -15.32 2.16
C ASN A 49 -19.08 -14.99 0.74
N GLN A 50 -19.70 -13.97 0.15
CA GLN A 50 -19.28 -13.51 -1.15
C GLN A 50 -17.89 -12.87 -1.05
N ILE A 51 -17.62 -12.22 0.08
CA ILE A 51 -16.30 -11.66 0.33
C ILE A 51 -15.27 -12.78 0.44
N ILE A 52 -15.54 -13.74 1.31
CA ILE A 52 -14.62 -14.85 1.52
C ILE A 52 -14.39 -15.60 0.21
N ARG A 53 -15.44 -15.70 -0.59
CA ARG A 53 -15.38 -16.33 -1.90
C ARG A 53 -14.44 -15.54 -2.82
N GLU A 54 -14.66 -14.25 -2.91
CA GLU A 54 -13.80 -13.38 -3.72
C GLU A 54 -12.35 -13.31 -3.22
N LEU A 55 -12.18 -13.31 -1.90
CA LEU A 55 -10.84 -13.25 -1.32
C LEU A 55 -10.02 -14.47 -1.70
N GLN A 56 -10.70 -15.55 -2.10
CA GLN A 56 -10.03 -16.79 -2.44
C GLN A 56 -9.09 -16.64 -3.63
N VAL A 57 -9.29 -15.59 -4.42
CA VAL A 57 -8.43 -15.29 -5.57
C VAL A 57 -6.99 -14.93 -5.16
N LEU A 58 -6.84 -14.34 -3.97
CA LEU A 58 -5.51 -14.05 -3.47
C LEU A 58 -4.60 -15.29 -3.54
N HIS A 59 -5.19 -16.48 -3.50
CA HIS A 59 -4.39 -17.70 -3.65
C HIS A 59 -3.60 -17.72 -4.95
N GLU A 60 -4.15 -17.12 -5.99
CA GLU A 60 -3.52 -17.15 -7.31
C GLU A 60 -2.57 -15.97 -7.58
N CYS A 61 -2.47 -15.07 -6.63
CA CYS A 61 -1.41 -14.09 -6.69
C CYS A 61 -0.12 -14.75 -6.27
N ASN A 62 0.92 -14.50 -7.05
CA ASN A 62 2.21 -15.11 -6.80
C ASN A 62 3.27 -14.24 -7.43
N SER A 63 3.78 -13.29 -6.67
CA SER A 63 4.79 -12.39 -7.17
C SER A 63 5.73 -11.90 -6.09
N PRO A 64 7.01 -11.73 -6.44
CA PRO A 64 8.02 -11.20 -5.52
C PRO A 64 7.61 -9.84 -4.96
N TYR A 65 6.68 -9.17 -5.64
CA TYR A 65 6.32 -7.80 -5.27
C TYR A 65 4.98 -7.72 -4.59
N ILE A 66 4.38 -8.88 -4.33
CA ILE A 66 3.07 -8.93 -3.71
C ILE A 66 3.16 -9.82 -2.48
N VAL A 67 2.59 -9.36 -1.37
CA VAL A 67 2.66 -10.10 -0.13
C VAL A 67 2.03 -11.49 -0.24
N GLY A 68 2.54 -12.44 0.53
CA GLY A 68 2.06 -13.79 0.42
C GLY A 68 0.72 -13.99 1.09
N PHE A 69 -0.10 -14.83 0.47
CA PHE A 69 -1.44 -15.15 0.97
C PHE A 69 -1.50 -16.63 1.38
N TYR A 70 -2.19 -16.91 2.47
CA TYR A 70 -2.34 -18.29 2.95
C TYR A 70 -3.79 -18.74 2.92
N GLY A 71 -4.70 -17.82 3.22
CA GLY A 71 -6.11 -18.16 3.23
C GLY A 71 -6.98 -17.11 3.86
N ALA A 72 -8.23 -17.05 3.45
CA ALA A 72 -9.22 -16.18 4.07
C ALA A 72 -10.39 -17.03 4.58
N PHE A 73 -10.86 -16.72 5.78
CA PHE A 73 -12.04 -17.40 6.29
C PHE A 73 -12.79 -16.51 7.28
N TYR A 74 -13.96 -16.98 7.70
CA TYR A 74 -14.80 -16.23 8.61
C TYR A 74 -15.02 -16.97 9.93
N SER A 75 -15.02 -16.23 11.03
CA SER A 75 -15.45 -16.79 12.31
C SER A 75 -15.68 -15.70 13.36
N ASP A 76 -16.77 -15.84 14.11
CA ASP A 76 -17.07 -14.92 15.20
C ASP A 76 -17.14 -13.47 14.72
N GLY A 77 -17.94 -13.25 13.67
CA GLY A 77 -18.14 -11.90 13.18
C GLY A 77 -16.90 -11.22 12.66
N GLU A 78 -15.82 -11.99 12.56
CA GLU A 78 -14.56 -11.47 12.05
C GLU A 78 -14.21 -12.16 10.75
N ILE A 79 -13.77 -11.36 9.77
CA ILE A 79 -13.16 -11.92 8.57
C ILE A 79 -11.65 -11.97 8.75
N SER A 80 -11.07 -13.15 8.56
CA SER A 80 -9.63 -13.34 8.71
C SER A 80 -8.94 -13.42 7.34
N ILE A 81 -7.92 -12.57 7.19
CA ILE A 81 -7.03 -12.69 6.04
C ILE A 81 -5.63 -13.02 6.54
N CYS A 82 -5.11 -14.17 6.12
CA CYS A 82 -3.88 -14.70 6.68
C CYS A 82 -2.74 -14.61 5.70
N MET A 83 -1.70 -13.89 6.09
CA MET A 83 -0.66 -13.44 5.17
C MET A 83 0.70 -13.96 5.56
N GLU A 84 1.62 -13.89 4.61
CA GLU A 84 3.03 -13.86 4.93
C GLU A 84 3.30 -12.78 5.98
N HIS A 85 3.96 -13.15 7.07
CA HIS A 85 4.43 -12.16 8.03
C HIS A 85 5.60 -11.37 7.44
N MET A 86 5.52 -10.04 7.48
CA MET A 86 6.61 -9.23 6.96
C MET A 86 7.40 -8.54 8.07
N ASP A 87 8.53 -9.14 8.44
CA ASP A 87 9.21 -8.79 9.69
C ASP A 87 9.69 -7.35 9.78
N GLY A 88 9.60 -6.61 8.69
CA GLY A 88 10.01 -5.21 8.72
C GLY A 88 8.85 -4.23 8.85
N GLY A 89 7.63 -4.74 8.76
CA GLY A 89 6.46 -3.88 8.90
C GLY A 89 6.14 -3.09 7.64
N SER A 90 5.26 -2.10 7.75
CA SER A 90 4.96 -1.24 6.62
C SER A 90 5.95 -0.09 6.59
N LEU A 91 6.09 0.54 5.42
CA LEU A 91 6.96 1.70 5.27
C LEU A 91 6.45 2.85 6.11
N ASP A 92 5.17 2.82 6.46
CA ASP A 92 4.62 3.85 7.32
C ASP A 92 5.18 3.72 8.76
N GLN A 93 5.48 2.50 9.17
CA GLN A 93 6.10 2.27 10.47
C GLN A 93 7.58 2.62 10.41
N VAL A 94 8.28 2.12 9.40
CA VAL A 94 9.66 2.49 9.21
C VAL A 94 9.77 4.00 9.27
N LEU A 95 8.80 4.70 8.68
CA LEU A 95 8.89 6.14 8.58
C LEU A 95 8.92 6.80 9.95
N LYS A 96 8.22 6.22 10.92
CA LYS A 96 8.19 6.79 12.26
C LYS A 96 9.50 6.60 13.02
N LYS A 97 10.19 5.50 12.72
CA LYS A 97 11.50 5.23 13.33
C LYS A 97 12.62 6.02 12.67
N ALA A 98 12.42 6.41 11.41
CA ALA A 98 13.48 7.00 10.62
C ALA A 98 13.20 8.46 10.34
N GLY A 99 11.99 8.89 10.60
CA GLY A 99 11.65 10.28 10.30
C GLY A 99 11.40 10.51 8.83
N ARG A 100 12.37 10.16 8.00
CA ARG A 100 12.17 10.22 6.56
C ARG A 100 13.07 9.21 5.84
N ILE A 101 12.72 8.93 4.60
CA ILE A 101 13.39 7.88 3.86
C ILE A 101 14.18 8.46 2.69
N PRO A 102 15.43 8.01 2.53
CA PRO A 102 16.38 8.45 1.51
C PRO A 102 15.88 8.19 0.10
N GLU A 103 16.15 9.13 -0.79
CA GLU A 103 15.64 9.03 -2.14
C GLU A 103 16.19 7.83 -2.90
N GLN A 104 17.31 7.28 -2.45
CA GLN A 104 17.85 6.08 -3.08
C GLN A 104 17.05 4.85 -2.66
N ILE A 105 16.70 4.77 -1.37
CA ILE A 105 15.78 3.75 -0.90
C ILE A 105 14.41 3.93 -1.58
N LEU A 106 13.99 5.17 -1.71
CA LEU A 106 12.72 5.45 -2.36
C LEU A 106 12.68 5.04 -3.82
N GLY A 107 13.80 5.12 -4.52
CA GLY A 107 13.87 4.64 -5.89
C GLY A 107 13.66 3.15 -5.98
N LYS A 108 14.22 2.42 -5.02
CA LYS A 108 14.01 0.97 -4.92
C LYS A 108 12.54 0.66 -4.62
N VAL A 109 11.95 1.42 -3.72
CA VAL A 109 10.55 1.22 -3.37
C VAL A 109 9.68 1.43 -4.59
N SER A 110 10.01 2.44 -5.38
CA SER A 110 9.23 2.78 -6.56
C SER A 110 9.28 1.69 -7.61
N ILE A 111 10.47 1.12 -7.81
CA ILE A 111 10.62 0.05 -8.77
C ILE A 111 9.77 -1.14 -8.32
N ALA A 112 9.82 -1.44 -7.02
CA ALA A 112 8.97 -2.48 -6.43
C ALA A 112 7.49 -2.18 -6.65
N VAL A 113 7.06 -0.99 -6.25
CA VAL A 113 5.66 -0.61 -6.36
C VAL A 113 5.22 -0.64 -7.81
N ILE A 114 6.06 -0.18 -8.73
CA ILE A 114 5.65 -0.19 -10.13
C ILE A 114 5.48 -1.63 -10.64
N LYS A 115 6.42 -2.50 -10.30
CA LYS A 115 6.37 -3.88 -10.77
C LYS A 115 5.19 -4.62 -10.17
N GLY A 116 4.93 -4.36 -8.89
CA GLY A 116 3.81 -4.98 -8.22
C GLY A 116 2.49 -4.57 -8.86
N LEU A 117 2.36 -3.30 -9.21
CA LEU A 117 1.14 -2.82 -9.83
C LEU A 117 0.96 -3.47 -11.18
N THR A 118 2.02 -3.50 -11.97
CA THR A 118 1.91 -4.06 -13.30
C THR A 118 1.57 -5.54 -13.20
N TYR A 119 2.13 -6.24 -12.23
CA TYR A 119 1.80 -7.64 -12.06
C TYR A 119 0.31 -7.80 -11.79
N LEU A 120 -0.23 -6.99 -10.88
CA LEU A 120 -1.65 -7.11 -10.56
C LEU A 120 -2.51 -6.77 -11.78
N ARG A 121 -2.07 -5.80 -12.58
CA ARG A 121 -2.81 -5.37 -13.75
C ARG A 121 -2.70 -6.34 -14.94
N GLU A 122 -1.51 -6.86 -15.19
CA GLU A 122 -1.30 -7.81 -16.28
C GLU A 122 -1.91 -9.17 -16.00
N LYS A 123 -1.81 -9.62 -14.76
CA LYS A 123 -2.05 -11.03 -14.46
C LYS A 123 -3.39 -11.28 -13.84
N HIS A 124 -4.04 -10.22 -13.37
CA HIS A 124 -5.33 -10.36 -12.68
C HIS A 124 -6.30 -9.23 -13.03
N LYS A 125 -5.84 -8.31 -13.87
CA LYS A 125 -6.65 -7.19 -14.32
C LYS A 125 -7.35 -6.47 -13.18
N ILE A 126 -6.72 -6.46 -12.01
CA ILE A 126 -7.22 -5.64 -10.91
C ILE A 126 -6.30 -4.45 -10.62
N MET A 127 -6.89 -3.33 -10.22
CA MET A 127 -6.09 -2.20 -9.79
C MET A 127 -5.96 -2.28 -8.29
N HIS A 128 -4.97 -1.60 -7.74
CA HIS A 128 -4.65 -1.76 -6.33
C HIS A 128 -5.67 -1.05 -5.47
N ARG A 129 -5.89 0.22 -5.78
CA ARG A 129 -6.92 1.05 -5.16
C ARG A 129 -6.62 1.54 -3.75
N ASP A 130 -5.47 1.15 -3.21
CA ASP A 130 -5.02 1.70 -1.93
C ASP A 130 -3.50 1.69 -1.77
N VAL A 131 -2.80 2.32 -2.70
CA VAL A 131 -1.36 2.47 -2.59
C VAL A 131 -1.02 3.59 -1.62
N LYS A 132 -0.47 3.21 -0.47
CA LYS A 132 0.04 4.20 0.47
C LYS A 132 1.13 3.57 1.33
N PRO A 133 1.92 4.39 2.02
CA PRO A 133 3.04 3.88 2.81
C PRO A 133 2.69 2.73 3.76
N SER A 134 1.48 2.72 4.30
CA SER A 134 1.13 1.65 5.23
C SER A 134 0.82 0.34 4.52
N ASN A 135 0.62 0.39 3.22
CA ASN A 135 0.32 -0.82 2.48
C ASN A 135 1.54 -1.32 1.71
N ILE A 136 2.69 -0.72 1.99
CA ILE A 136 3.94 -1.22 1.46
C ILE A 136 4.75 -1.82 2.60
N LEU A 137 4.90 -3.16 2.57
CA LEU A 137 5.59 -3.90 3.61
C LEU A 137 7.01 -4.25 3.18
N VAL A 138 7.92 -4.30 4.15
CA VAL A 138 9.30 -4.67 3.90
C VAL A 138 9.72 -5.72 4.91
N ASN A 139 10.77 -6.46 4.60
CA ASN A 139 11.30 -7.43 5.55
C ASN A 139 12.81 -7.41 5.58
N SER A 140 13.38 -8.22 6.46
CA SER A 140 14.81 -8.16 6.74
C SER A 140 15.62 -8.70 5.57
N ARG A 141 14.95 -9.40 4.65
CA ARG A 141 15.61 -9.81 3.43
C ARG A 141 15.66 -8.68 2.42
N GLY A 142 15.10 -7.54 2.80
CA GLY A 142 15.20 -6.36 1.97
C GLY A 142 14.15 -6.39 0.89
N GLU A 143 13.12 -7.20 1.09
CA GLU A 143 12.03 -7.30 0.14
C GLU A 143 11.01 -6.17 0.33
N ILE A 144 10.39 -5.77 -0.78
CA ILE A 144 9.41 -4.69 -0.77
C ILE A 144 8.17 -5.20 -1.50
N LYS A 145 7.05 -5.27 -0.79
CA LYS A 145 5.85 -5.90 -1.32
C LYS A 145 4.59 -5.08 -1.04
N LEU A 146 3.65 -5.11 -1.99
CA LEU A 146 2.34 -4.47 -1.82
C LEU A 146 1.33 -5.43 -1.21
N CYS A 147 0.42 -4.89 -0.41
CA CYS A 147 -0.72 -5.65 0.08
C CYS A 147 -1.98 -4.78 0.10
N ASP A 148 -3.05 -5.32 0.68
CA ASP A 148 -4.31 -4.60 0.84
C ASP A 148 -4.83 -3.98 -0.47
N PHE A 149 -4.77 -4.72 -1.57
CA PHE A 149 -5.33 -4.25 -2.84
C PHE A 149 -6.76 -4.75 -3.04
N GLY A 150 -7.46 -4.15 -4.01
CA GLY A 150 -8.88 -4.42 -4.15
C GLY A 150 -9.24 -5.69 -4.92
N VAL A 151 -9.03 -6.84 -4.29
CA VAL A 151 -9.26 -8.09 -4.97
C VAL A 151 -10.76 -8.41 -4.92
N SER A 152 -11.44 -7.94 -3.89
CA SER A 152 -12.85 -8.23 -3.69
C SER A 152 -13.69 -6.98 -3.89
N GLY A 153 -14.58 -7.02 -4.88
CA GLY A 153 -15.46 -5.87 -5.12
C GLY A 153 -16.45 -5.67 -4.01
N GLN A 154 -16.85 -6.75 -3.36
CA GLN A 154 -17.81 -6.67 -2.26
C GLN A 154 -17.13 -6.03 -1.07
N LEU A 155 -15.88 -6.40 -0.84
CA LEU A 155 -15.17 -5.93 0.34
C LEU A 155 -14.94 -4.42 0.24
N ILE A 156 -14.59 -3.95 -0.97
CA ILE A 156 -14.44 -2.52 -1.19
C ILE A 156 -15.72 -1.78 -0.82
N ASP A 157 -16.86 -2.27 -1.30
CA ASP A 157 -18.12 -1.59 -1.10
C ASP A 157 -18.50 -1.56 0.38
N SER A 158 -18.11 -2.59 1.11
CA SER A 158 -18.51 -2.74 2.50
C SER A 158 -17.71 -1.84 3.42
N MET A 159 -16.49 -1.51 3.01
CA MET A 159 -15.60 -0.78 3.88
C MET A 159 -15.75 0.73 3.75
N ALA A 160 -16.41 1.17 2.67
CA ALA A 160 -16.67 2.59 2.46
C ALA A 160 -15.44 3.39 2.85
N ASN A 161 -14.29 2.89 2.41
CA ASN A 161 -12.99 3.50 2.58
C ASN A 161 -12.96 5.04 2.51
N SER A 162 -13.64 5.61 1.52
CA SER A 162 -13.35 6.97 1.05
C SER A 162 -13.49 8.10 2.05
N PHE A 163 -14.20 7.86 3.15
CA PHE A 163 -14.47 8.94 4.08
C PHE A 163 -13.81 8.70 5.43
N VAL A 164 -13.16 7.56 5.57
CA VAL A 164 -12.56 7.20 6.85
C VAL A 164 -11.13 7.71 6.94
N GLY A 165 -10.61 7.79 8.15
CA GLY A 165 -9.21 8.14 8.34
C GLY A 165 -8.92 9.62 8.10
N THR A 166 -7.69 10.03 8.41
CA THR A 166 -7.35 11.44 8.46
C THR A 166 -6.61 11.91 7.20
N ARG A 167 -5.90 10.99 6.55
CA ARG A 167 -5.21 11.30 5.29
C ARG A 167 -5.91 10.61 4.12
N SER A 168 -5.78 11.19 2.93
CA SER A 168 -6.35 10.57 1.75
C SER A 168 -5.34 10.54 0.63
N TYR A 169 -5.30 9.43 -0.10
CA TYR A 169 -4.42 9.31 -1.23
C TYR A 169 -5.24 9.25 -2.48
N MET A 170 -6.54 9.54 -2.34
CA MET A 170 -7.40 9.56 -3.49
C MET A 170 -6.95 10.63 -4.46
N SER A 171 -7.13 10.34 -5.74
CA SER A 171 -6.71 11.23 -6.80
C SER A 171 -7.83 12.22 -7.10
N PRO A 172 -7.50 13.28 -7.85
CA PRO A 172 -8.44 14.33 -8.26
C PRO A 172 -9.58 13.79 -9.11
N GLU A 173 -9.25 12.99 -10.11
CA GLU A 173 -10.27 12.46 -11.01
C GLU A 173 -11.33 11.72 -10.23
N ARG A 174 -10.89 10.83 -9.35
CA ARG A 174 -11.84 10.01 -8.62
C ARG A 174 -12.79 10.86 -7.79
N LEU A 175 -12.27 11.90 -7.13
CA LEU A 175 -13.07 12.76 -6.28
C LEU A 175 -13.92 13.71 -7.09
N GLN A 176 -13.81 13.62 -8.41
CA GLN A 176 -14.69 14.34 -9.30
C GLN A 176 -15.50 13.39 -10.19
N GLY A 177 -15.66 12.15 -9.74
CA GLY A 177 -16.59 11.25 -10.39
C GLY A 177 -16.04 10.40 -11.52
N THR A 178 -14.73 10.39 -11.70
CA THR A 178 -14.14 9.58 -12.75
C THR A 178 -14.08 8.12 -12.34
N HIS A 179 -14.18 7.25 -13.34
CA HIS A 179 -13.97 5.81 -13.16
C HIS A 179 -12.54 5.58 -12.68
N TYR A 180 -12.33 4.50 -11.95
CA TYR A 180 -11.01 4.25 -11.38
C TYR A 180 -10.13 3.60 -12.43
N SER A 181 -8.86 3.98 -12.46
CA SER A 181 -7.91 3.37 -13.38
C SER A 181 -6.50 3.34 -12.79
N VAL A 182 -5.55 2.82 -13.56
CA VAL A 182 -4.17 2.69 -13.08
C VAL A 182 -3.56 4.05 -12.77
N GLN A 183 -3.95 5.06 -13.53
CA GLN A 183 -3.48 6.41 -13.30
C GLN A 183 -3.70 6.83 -11.85
N SER A 184 -4.85 6.44 -11.29
CA SER A 184 -5.18 6.73 -9.91
C SER A 184 -4.21 6.10 -8.92
N ASP A 185 -3.59 5.00 -9.30
CA ASP A 185 -2.57 4.38 -8.46
C ASP A 185 -1.23 5.12 -8.58
N ILE A 186 -0.92 5.64 -9.77
CA ILE A 186 0.23 6.51 -9.98
C ILE A 186 0.18 7.74 -9.05
N TRP A 187 -0.96 8.40 -9.02
CA TRP A 187 -1.13 9.55 -8.14
C TRP A 187 -0.87 9.15 -6.69
N SER A 188 -1.46 8.04 -6.27
CA SER A 188 -1.24 7.55 -4.94
C SER A 188 0.22 7.29 -4.64
N MET A 189 0.94 6.70 -5.60
CA MET A 189 2.34 6.38 -5.39
C MET A 189 3.19 7.62 -5.23
N GLY A 190 3.00 8.60 -6.12
CA GLY A 190 3.73 9.85 -6.01
C GLY A 190 3.47 10.58 -4.70
N LEU A 191 2.21 10.62 -4.29
CA LEU A 191 1.88 11.26 -3.03
C LEU A 191 2.54 10.50 -1.91
N SER A 192 2.62 9.18 -2.05
CA SER A 192 3.30 8.33 -1.08
C SER A 192 4.78 8.68 -1.03
N LEU A 193 5.43 8.74 -2.18
CA LEU A 193 6.84 9.08 -2.27
C LEU A 193 7.12 10.44 -1.64
N VAL A 194 6.32 11.44 -2.00
CA VAL A 194 6.55 12.75 -1.37
C VAL A 194 6.50 12.62 0.15
N GLU A 195 5.44 12.01 0.67
CA GLU A 195 5.29 11.86 2.11
C GLU A 195 6.47 11.16 2.77
N MET A 196 6.95 10.08 2.15
CA MET A 196 8.06 9.33 2.72
C MET A 196 9.39 10.09 2.61
N ALA A 197 9.51 10.94 1.60
CA ALA A 197 10.73 11.71 1.39
C ALA A 197 10.90 12.87 2.38
N VAL A 198 9.81 13.57 2.65
CA VAL A 198 9.86 14.74 3.52
C VAL A 198 9.53 14.36 4.96
N GLY A 199 8.82 13.24 5.14
CA GLY A 199 8.55 12.77 6.48
C GLY A 199 7.24 13.23 7.08
N ARG A 200 6.39 13.86 6.27
CA ARG A 200 5.01 14.17 6.67
C ARG A 200 4.06 14.26 5.48
N TYR A 201 2.79 13.94 5.74
CA TYR A 201 1.79 13.92 4.69
C TYR A 201 1.65 15.30 4.03
N PRO A 202 1.88 15.36 2.70
CA PRO A 202 2.16 16.60 1.98
C PRO A 202 1.00 17.59 1.90
N ILE A 203 -0.23 17.13 2.18
CA ILE A 203 -1.41 17.94 1.94
C ILE A 203 -2.04 18.42 3.25
N PRO A 204 -2.12 19.73 3.46
CA PRO A 204 -1.60 20.83 2.63
C PRO A 204 -0.10 21.07 2.84
N PRO A 205 0.52 21.90 1.99
CA PRO A 205 1.92 22.25 2.19
C PRO A 205 2.09 23.05 3.47
N PRO A 206 3.19 22.81 4.21
CA PRO A 206 3.51 23.58 5.42
C PRO A 206 4.16 24.94 5.09
N PRO A 215 -5.40 19.49 11.68
CA PRO A 215 -6.75 20.03 11.82
C PRO A 215 -7.71 19.68 10.67
N MET A 216 -7.19 19.63 9.45
CA MET A 216 -8.04 19.45 8.28
C MET A 216 -8.75 18.11 8.30
N ALA A 217 -10.07 18.14 8.45
CA ALA A 217 -10.85 16.91 8.52
C ALA A 217 -11.27 16.47 7.12
N ILE A 218 -11.71 15.23 7.02
CA ILE A 218 -11.64 14.49 5.77
C ILE A 218 -12.19 15.26 4.58
N PHE A 219 -13.35 15.87 4.75
CA PHE A 219 -14.04 16.49 3.64
C PHE A 219 -13.32 17.72 3.12
N GLU A 220 -12.73 18.48 4.02
CA GLU A 220 -11.96 19.65 3.60
C GLU A 220 -10.72 19.22 2.82
N LEU A 221 -10.05 18.22 3.36
CA LEU A 221 -8.90 17.63 2.70
C LEU A 221 -9.28 17.23 1.28
N LEU A 222 -10.38 16.49 1.16
CA LEU A 222 -10.82 16.00 -0.14
C LEU A 222 -11.11 17.17 -1.08
N ASP A 223 -11.74 18.21 -0.55
CA ASP A 223 -11.98 19.39 -1.36
C ASP A 223 -10.67 20.06 -1.74
N TYR A 224 -9.75 20.13 -0.78
CA TYR A 224 -8.45 20.75 -1.00
C TYR A 224 -7.75 20.07 -2.16
N ILE A 225 -7.81 18.73 -2.19
CA ILE A 225 -7.14 17.95 -3.22
C ILE A 225 -7.64 18.22 -4.63
N VAL A 226 -8.95 18.44 -4.79
CA VAL A 226 -9.48 18.64 -6.13
C VAL A 226 -9.35 20.09 -6.56
N ASN A 227 -8.95 20.96 -5.64
CA ASN A 227 -8.87 22.38 -5.95
C ASN A 227 -7.48 22.99 -6.00
N GLU A 228 -6.74 22.89 -4.91
CA GLU A 228 -5.39 23.44 -4.86
C GLU A 228 -4.46 22.71 -5.84
N PRO A 229 -3.29 23.29 -6.12
CA PRO A 229 -2.31 22.58 -6.94
C PRO A 229 -1.65 21.44 -6.17
N PRO A 230 -1.09 20.45 -6.89
CA PRO A 230 -0.53 19.25 -6.27
C PRO A 230 0.70 19.56 -5.44
N PRO A 231 1.01 18.69 -4.47
CA PRO A 231 2.18 18.88 -3.61
C PRO A 231 3.46 18.64 -4.41
N LYS A 232 4.56 19.23 -3.95
CA LYS A 232 5.86 18.98 -4.59
C LYS A 232 6.97 18.82 -3.55
N LEU A 233 8.08 18.21 -3.99
CA LEU A 233 9.24 18.07 -3.13
C LEU A 233 9.94 19.40 -2.93
N PRO A 234 10.54 19.61 -1.74
CA PRO A 234 11.30 20.82 -1.39
C PRO A 234 12.50 21.07 -2.30
N SER A 235 13.06 22.26 -2.18
CA SER A 235 13.71 22.94 -3.29
C SER A 235 15.21 22.64 -3.45
N GLY A 236 15.82 22.07 -2.42
CA GLY A 236 17.26 21.91 -2.45
C GLY A 236 17.78 20.52 -2.11
N VAL A 237 16.97 19.71 -1.44
CA VAL A 237 17.47 18.50 -0.82
C VAL A 237 17.47 17.27 -1.74
N PHE A 238 16.57 17.24 -2.72
CA PHE A 238 16.44 16.05 -3.56
C PHE A 238 16.89 16.32 -4.98
N SER A 239 17.41 15.28 -5.63
CA SER A 239 17.87 15.43 -7.00
C SER A 239 16.73 15.92 -7.90
N LEU A 240 17.08 16.52 -9.03
CA LEU A 240 16.09 17.06 -9.95
C LEU A 240 15.38 15.94 -10.72
N GLU A 241 16.00 14.78 -10.78
CA GLU A 241 15.35 13.60 -11.33
C GLU A 241 14.22 13.11 -10.43
N PHE A 242 14.53 12.91 -9.15
CA PHE A 242 13.53 12.42 -8.22
C PHE A 242 12.32 13.33 -8.22
N GLN A 243 12.53 14.63 -8.39
CA GLN A 243 11.40 15.52 -8.30
C GLN A 243 10.66 15.70 -9.61
N ASP A 244 11.29 15.35 -10.72
CA ASP A 244 10.57 15.30 -11.97
C ASP A 244 9.73 14.03 -12.03
N PHE A 245 10.28 12.94 -11.50
CA PHE A 245 9.54 11.69 -11.36
C PHE A 245 8.28 11.95 -10.53
N VAL A 246 8.46 12.40 -9.30
CA VAL A 246 7.32 12.67 -8.43
C VAL A 246 6.35 13.65 -9.03
N ASN A 247 6.88 14.64 -9.76
CA ASN A 247 6.05 15.64 -10.42
C ASN A 247 5.17 15.06 -11.52
N LYS A 248 5.71 14.07 -12.24
CA LYS A 248 5.00 13.45 -13.34
C LYS A 248 3.96 12.47 -12.83
N CYS A 249 4.10 12.09 -11.56
CA CYS A 249 3.14 11.21 -10.93
C CYS A 249 1.95 12.01 -10.44
N LEU A 250 2.20 13.26 -10.08
CA LEU A 250 1.19 14.08 -9.44
C LEU A 250 0.55 15.12 -10.37
N ILE A 251 0.75 14.97 -11.67
CA ILE A 251 0.02 15.81 -12.62
C ILE A 251 -1.48 15.60 -12.43
N LYS A 252 -2.21 16.68 -12.15
CA LYS A 252 -3.62 16.57 -11.80
C LYS A 252 -4.49 16.01 -12.91
N ASN A 253 -4.09 16.22 -14.16
CA ASN A 253 -4.85 15.68 -15.29
C ASN A 253 -4.37 14.27 -15.63
N PRO A 254 -5.22 13.27 -15.36
CA PRO A 254 -4.80 11.89 -15.58
C PRO A 254 -4.29 11.67 -16.99
N ALA A 255 -4.70 12.52 -17.92
CA ALA A 255 -4.28 12.40 -19.30
C ALA A 255 -2.79 12.68 -19.43
N GLU A 256 -2.33 13.68 -18.67
CA GLU A 256 -0.94 14.12 -18.73
C GLU A 256 -0.06 13.27 -17.84
N ARG A 257 -0.58 12.91 -16.67
CA ARG A 257 0.15 12.12 -15.71
C ARG A 257 0.83 10.96 -16.42
N ALA A 258 1.98 10.54 -15.91
CA ALA A 258 2.73 9.46 -16.54
C ALA A 258 1.98 8.15 -16.37
N ASP A 259 2.33 7.15 -17.17
CA ASP A 259 1.85 5.80 -16.94
C ASP A 259 3.02 4.89 -16.59
N LEU A 260 2.73 3.64 -16.23
CA LEU A 260 3.74 2.73 -15.75
C LEU A 260 4.86 2.48 -16.78
N LYS A 261 4.51 2.44 -18.05
CA LYS A 261 5.51 2.25 -19.09
C LYS A 261 6.46 3.43 -19.10
N GLN A 262 5.90 4.62 -18.93
CA GLN A 262 6.70 5.84 -18.96
C GLN A 262 7.57 5.96 -17.72
N LEU A 263 6.99 5.68 -16.55
CA LEU A 263 7.73 5.75 -15.31
C LEU A 263 8.89 4.76 -15.32
N MET A 264 8.65 3.58 -15.87
CA MET A 264 9.66 2.54 -15.81
C MET A 264 10.93 2.93 -16.56
N VAL A 265 10.82 3.86 -17.51
CA VAL A 265 11.98 4.29 -18.28
C VAL A 265 12.43 5.70 -17.94
N HIS A 266 11.79 6.30 -16.94
CA HIS A 266 12.16 7.64 -16.49
C HIS A 266 13.57 7.63 -15.93
N ALA A 267 14.25 8.76 -16.02
CA ALA A 267 15.64 8.86 -15.60
C ALA A 267 15.85 8.38 -14.17
N PHE A 268 14.95 8.79 -13.28
CA PHE A 268 15.08 8.43 -11.88
C PHE A 268 15.12 6.92 -11.67
N ILE A 269 14.29 6.18 -12.41
CA ILE A 269 14.17 4.75 -12.20
C ILE A 269 15.39 4.02 -12.74
N LYS A 270 15.86 4.45 -13.91
CA LYS A 270 17.04 3.85 -14.53
C LYS A 270 18.23 3.93 -13.60
N ARG A 271 18.42 5.10 -12.99
CA ARG A 271 19.51 5.31 -12.04
C ARG A 271 19.32 4.44 -10.80
N SER A 272 18.15 4.55 -10.17
CA SER A 272 17.87 3.83 -8.95
C SER A 272 18.06 2.35 -9.19
N ASP A 273 17.71 1.89 -10.39
CA ASP A 273 17.81 0.49 -10.71
C ASP A 273 19.28 0.06 -10.77
N ALA A 274 20.17 0.99 -11.05
CA ALA A 274 21.59 0.68 -11.14
C ALA A 274 22.31 0.87 -9.80
N GLU A 275 21.85 1.82 -8.99
CA GLU A 275 22.50 2.12 -7.72
C GLU A 275 22.57 0.88 -6.86
N GLU A 276 23.75 0.60 -6.30
CA GLU A 276 23.91 -0.52 -5.39
C GLU A 276 23.49 -0.09 -3.99
N VAL A 277 22.26 -0.43 -3.62
CA VAL A 277 21.71 -0.04 -2.34
C VAL A 277 21.52 -1.24 -1.45
N ASP A 278 22.00 -1.16 -0.21
CA ASP A 278 21.80 -2.26 0.72
C ASP A 278 20.60 -1.97 1.58
N PHE A 279 19.43 -2.36 1.07
CA PHE A 279 18.17 -2.04 1.74
C PHE A 279 18.00 -2.82 3.04
N ALA A 280 18.22 -4.12 3.01
CA ALA A 280 18.06 -4.92 4.22
C ALA A 280 18.91 -4.34 5.34
N GLY A 281 20.17 -4.03 5.03
CA GLY A 281 21.06 -3.48 6.03
C GLY A 281 20.66 -2.11 6.53
N TRP A 282 20.17 -1.26 5.63
CA TRP A 282 19.64 0.04 6.03
C TRP A 282 18.44 -0.14 6.95
N LEU A 283 17.64 -1.15 6.65
CA LEU A 283 16.44 -1.46 7.43
C LEU A 283 16.79 -1.94 8.84
N CYS A 284 17.59 -2.99 8.93
CA CYS A 284 17.94 -3.55 10.22
C CYS A 284 19.04 -2.67 10.76
N SER A 285 18.65 -1.62 11.45
CA SER A 285 19.57 -0.54 11.79
C SER A 285 18.75 0.73 11.95
N THR A 286 17.86 0.98 11.00
CA THR A 286 16.88 2.03 11.14
C THR A 286 15.84 1.63 12.17
N ILE A 287 15.56 0.34 12.24
CA ILE A 287 14.60 -0.21 13.19
C ILE A 287 15.23 -1.41 13.89
N GLY A 288 16.31 -1.93 13.32
CA GLY A 288 17.03 -3.05 13.91
C GLY A 288 16.42 -4.43 13.67
#